data_1XB0
#
_entry.id   1XB0
#
_cell.length_a   86.400
_cell.length_b   86.400
_cell.length_c   226.770
_cell.angle_alpha   90.00
_cell.angle_beta   90.00
_cell.angle_gamma   90.00
#
_symmetry.space_group_name_H-M   'P 41 21 2'
#
loop_
_entity.id
_entity.type
_entity.pdbx_description
1 polymer 'Baculoviral IAP repeat-containing protein 8'
2 polymer 'Diablo homolog, mitochondrial'
3 non-polymer 'ZINC ION'
4 water water
#
loop_
_entity_poly.entity_id
_entity_poly.type
_entity_poly.pdbx_seq_one_letter_code
_entity_poly.pdbx_strand_id
1 'polypeptide(L)'
;GSHMSTNLPRNPSMTGYEARLITFGTWMYSVNKEQLARAGFYAIGQEDKVQCFHCGGGLANWKPKEDPWEQHAKWYPGCK
YLLEEKGHEYINNIHLTRSLEGALVQTT
;
A,B,C,D,E,F
2 'polypeptide(L)' AVPIAQK G,H,I,J,K,L
#
loop_
_chem_comp.id
_chem_comp.type
_chem_comp.name
_chem_comp.formula
ZN non-polymer 'ZINC ION' 'Zn 2'
#
# COMPACT_ATOMS: atom_id res chain seq x y z
N THR A 6 11.81 -1.76 6.92
CA THR A 6 12.15 -3.14 7.36
C THR A 6 11.12 -3.65 8.37
N ASN A 7 10.44 -4.75 8.01
CA ASN A 7 9.44 -5.37 8.87
C ASN A 7 9.07 -6.71 8.27
N LEU A 8 8.55 -6.68 7.05
CA LEU A 8 8.15 -7.90 6.34
C LEU A 8 9.24 -8.28 5.34
N PRO A 9 9.44 -9.58 5.11
CA PRO A 9 10.46 -10.04 4.17
C PRO A 9 10.21 -9.59 2.73
N ARG A 10 11.26 -9.06 2.10
CA ARG A 10 11.17 -8.59 0.73
C ARG A 10 10.75 -9.72 -0.23
N ASN A 11 11.31 -10.90 -0.03
CA ASN A 11 10.99 -12.05 -0.89
C ASN A 11 10.60 -13.23 -0.02
N PRO A 12 9.32 -13.28 0.40
CA PRO A 12 8.81 -14.36 1.24
C PRO A 12 8.96 -15.77 0.66
N SER A 13 9.03 -15.87 -0.67
CA SER A 13 9.16 -17.19 -1.30
C SER A 13 10.54 -17.78 -1.06
N MET A 14 11.46 -16.97 -0.53
CA MET A 14 12.83 -17.40 -0.23
C MET A 14 13.06 -17.47 1.28
N THR A 15 11.98 -17.57 2.06
CA THR A 15 12.09 -17.65 3.51
C THR A 15 12.73 -18.95 3.97
N GLY A 16 12.50 -20.02 3.21
CA GLY A 16 13.06 -21.30 3.59
C GLY A 16 14.48 -21.56 3.11
N TYR A 17 15.24 -22.27 3.92
CA TYR A 17 16.62 -22.62 3.62
C TYR A 17 16.75 -23.36 2.28
N GLU A 18 15.96 -24.42 2.10
CA GLU A 18 16.01 -25.20 0.87
C GLU A 18 15.69 -24.38 -0.37
N ALA A 19 14.69 -23.52 -0.27
CA ALA A 19 14.28 -22.69 -1.39
C ALA A 19 15.46 -21.82 -1.83
N ARG A 20 16.22 -21.32 -0.87
CA ARG A 20 17.38 -20.49 -1.20
C ARG A 20 18.54 -21.33 -1.74
N LEU A 21 18.80 -22.46 -1.09
CA LEU A 21 19.90 -23.35 -1.46
C LEU A 21 19.82 -23.82 -2.90
N ILE A 22 18.62 -24.17 -3.34
CA ILE A 22 18.43 -24.66 -4.68
C ILE A 22 18.75 -23.63 -5.77
N THR A 23 18.80 -22.34 -5.44
CA THR A 23 19.14 -21.31 -6.43
C THR A 23 20.63 -21.37 -6.72
N PHE A 24 21.36 -22.12 -5.90
CA PHE A 24 22.80 -22.29 -6.07
C PHE A 24 23.10 -23.63 -6.75
N GLY A 25 22.07 -24.27 -7.29
CA GLY A 25 22.25 -25.54 -7.96
C GLY A 25 23.35 -25.55 -9.02
N THR A 26 23.51 -24.45 -9.74
CA THR A 26 24.53 -24.36 -10.78
C THR A 26 25.55 -23.26 -10.46
N TRP A 27 25.61 -22.90 -9.18
CA TRP A 27 26.53 -21.87 -8.71
C TRP A 27 27.95 -22.22 -9.17
N MET A 28 28.59 -21.31 -9.89
CA MET A 28 29.93 -21.61 -10.40
C MET A 28 31.07 -20.92 -9.66
N TYR A 29 30.75 -20.32 -8.52
CA TYR A 29 31.77 -19.64 -7.73
C TYR A 29 32.20 -20.50 -6.55
N SER A 30 33.34 -20.14 -5.97
CA SER A 30 33.95 -20.84 -4.84
C SER A 30 33.28 -20.59 -3.49
N VAL A 31 32.86 -19.37 -3.21
CA VAL A 31 32.24 -19.09 -1.93
C VAL A 31 31.15 -20.13 -1.66
N ASN A 32 31.23 -20.77 -0.50
CA ASN A 32 30.33 -21.83 -0.09
C ASN A 32 28.84 -21.48 -0.15
N LYS A 33 28.09 -22.26 -0.92
CA LYS A 33 26.67 -22.00 -1.09
C LYS A 33 25.79 -22.30 0.13
N GLU A 34 26.15 -23.33 0.90
CA GLU A 34 25.36 -23.64 2.09
C GLU A 34 25.46 -22.49 3.08
N GLN A 35 26.67 -21.97 3.26
CA GLN A 35 26.86 -20.85 4.18
C GLN A 35 26.11 -19.62 3.70
N LEU A 36 26.12 -19.40 2.39
CA LEU A 36 25.43 -18.25 1.83
C LEU A 36 23.93 -18.38 2.10
N ALA A 37 23.37 -19.55 1.79
CA ALA A 37 21.96 -19.80 2.01
C ALA A 37 21.56 -19.69 3.50
N ARG A 38 22.41 -20.21 4.39
CA ARG A 38 22.11 -20.12 5.81
C ARG A 38 22.07 -18.67 6.24
N ALA A 39 22.94 -17.86 5.65
CA ALA A 39 23.02 -16.44 5.98
C ALA A 39 21.87 -15.63 5.36
N GLY A 40 20.89 -16.32 4.81
CA GLY A 40 19.73 -15.65 4.22
C GLY A 40 19.84 -15.26 2.75
N PHE A 41 20.95 -15.61 2.11
CA PHE A 41 21.16 -15.26 0.72
C PHE A 41 20.70 -16.30 -0.29
N TYR A 42 20.36 -15.83 -1.49
CA TYR A 42 19.96 -16.70 -2.60
C TYR A 42 20.55 -16.07 -3.86
N ALA A 43 20.96 -16.91 -4.80
CA ALA A 43 21.57 -16.42 -6.04
C ALA A 43 20.55 -15.86 -7.01
N ILE A 44 20.93 -14.79 -7.71
CA ILE A 44 20.01 -14.17 -8.66
C ILE A 44 20.40 -14.40 -10.13
N GLY A 45 21.69 -14.63 -10.39
CA GLY A 45 22.14 -14.88 -11.76
C GLY A 45 23.02 -13.83 -12.44
N GLN A 46 23.34 -12.74 -11.77
CA GLN A 46 24.19 -11.71 -12.36
C GLN A 46 25.52 -11.78 -11.62
N GLU A 47 26.58 -12.13 -12.34
CA GLU A 47 27.89 -12.27 -11.72
C GLU A 47 27.67 -13.23 -10.54
N ASP A 48 28.34 -12.99 -9.42
CA ASP A 48 28.18 -13.83 -8.23
C ASP A 48 27.27 -13.10 -7.24
N LYS A 49 26.36 -12.29 -7.76
CA LYS A 49 25.45 -11.51 -6.92
C LYS A 49 24.41 -12.35 -6.19
N VAL A 50 24.29 -12.10 -4.89
CA VAL A 50 23.29 -12.80 -4.07
C VAL A 50 22.46 -11.72 -3.38
N GLN A 51 21.27 -12.09 -2.91
CA GLN A 51 20.38 -11.15 -2.26
C GLN A 51 19.75 -11.76 -1.01
N CYS A 52 19.56 -10.96 0.03
CA CYS A 52 18.95 -11.46 1.25
C CYS A 52 17.44 -11.52 1.05
N PHE A 53 16.83 -12.65 1.39
CA PHE A 53 15.39 -12.80 1.22
C PHE A 53 14.62 -11.81 2.10
N HIS A 54 15.23 -11.40 3.20
CA HIS A 54 14.56 -10.49 4.13
C HIS A 54 14.77 -9.01 3.87
N CYS A 55 16.00 -8.51 4.00
CA CYS A 55 16.25 -7.09 3.78
C CYS A 55 16.40 -6.69 2.31
N GLY A 56 16.59 -7.68 1.44
CA GLY A 56 16.75 -7.37 0.03
C GLY A 56 18.16 -6.91 -0.32
N GLY A 57 19.04 -6.87 0.67
CA GLY A 57 20.41 -6.43 0.43
C GLY A 57 21.19 -7.33 -0.51
N GLY A 58 21.79 -6.75 -1.55
CA GLY A 58 22.56 -7.51 -2.51
C GLY A 58 24.05 -7.45 -2.28
N LEU A 59 24.73 -8.56 -2.59
CA LEU A 59 26.18 -8.65 -2.42
C LEU A 59 26.82 -9.37 -3.61
N ALA A 60 27.98 -8.89 -4.05
CA ALA A 60 28.69 -9.48 -5.18
C ALA A 60 30.20 -9.37 -5.00
N ASN A 61 30.94 -10.03 -5.89
CA ASN A 61 32.40 -10.01 -5.83
C ASN A 61 32.93 -10.64 -4.55
N TRP A 62 32.44 -11.84 -4.25
CA TRP A 62 32.85 -12.57 -3.08
C TRP A 62 34.27 -13.10 -3.16
N LYS A 63 34.87 -13.31 -2.01
CA LYS A 63 36.20 -13.89 -1.90
C LYS A 63 35.94 -15.35 -1.55
N PRO A 64 36.68 -16.29 -2.17
CA PRO A 64 36.53 -17.72 -1.94
C PRO A 64 36.27 -18.19 -0.51
N LYS A 65 36.87 -17.51 0.48
CA LYS A 65 36.70 -17.92 1.86
C LYS A 65 36.11 -16.90 2.84
N GLU A 66 35.32 -15.95 2.33
CA GLU A 66 34.70 -14.95 3.20
C GLU A 66 33.54 -15.61 3.95
N ASP A 67 33.13 -15.00 5.05
CA ASP A 67 32.02 -15.50 5.87
C ASP A 67 30.77 -14.69 5.54
N PRO A 68 29.76 -15.32 4.94
CA PRO A 68 28.50 -14.64 4.58
C PRO A 68 27.78 -13.94 5.74
N TRP A 69 27.79 -14.54 6.92
CA TRP A 69 27.15 -13.90 8.08
C TRP A 69 27.86 -12.60 8.43
N GLU A 70 29.19 -12.63 8.39
CA GLU A 70 30.00 -11.44 8.70
C GLU A 70 29.78 -10.34 7.67
N GLN A 71 29.71 -10.71 6.39
CA GLN A 71 29.51 -9.73 5.32
C GLN A 71 28.08 -9.17 5.39
N HIS A 72 27.14 -10.02 5.77
CA HIS A 72 25.75 -9.61 5.91
C HIS A 72 25.67 -8.52 6.98
N ALA A 73 26.31 -8.76 8.10
CA ALA A 73 26.30 -7.83 9.22
C ALA A 73 27.07 -6.55 8.91
N LYS A 74 28.19 -6.68 8.21
CA LYS A 74 28.99 -5.51 7.86
C LYS A 74 28.25 -4.54 6.95
N TRP A 75 27.70 -5.06 5.86
CA TRP A 75 27.01 -4.22 4.88
C TRP A 75 25.56 -3.88 5.17
N TYR A 76 24.82 -4.81 5.77
CA TYR A 76 23.41 -4.58 6.06
C TYR A 76 23.07 -4.82 7.53
N PRO A 77 23.67 -4.00 8.42
CA PRO A 77 23.43 -4.13 9.86
C PRO A 77 21.98 -3.90 10.26
N GLY A 78 21.20 -3.28 9.38
CA GLY A 78 19.79 -3.03 9.68
C GLY A 78 18.85 -4.18 9.36
N CYS A 79 19.38 -5.26 8.79
CA CYS A 79 18.56 -6.42 8.44
C CYS A 79 17.91 -7.10 9.64
N LYS A 80 16.59 -7.28 9.58
CA LYS A 80 15.85 -7.90 10.67
C LYS A 80 16.12 -9.40 10.78
N TYR A 81 16.41 -10.04 9.66
CA TYR A 81 16.71 -11.47 9.70
C TYR A 81 18.03 -11.66 10.45
N LEU A 82 18.99 -10.80 10.12
CA LEU A 82 20.30 -10.84 10.76
C LEU A 82 20.11 -10.62 12.27
N LEU A 83 19.32 -9.63 12.64
CA LEU A 83 19.08 -9.35 14.05
C LEU A 83 18.44 -10.53 14.78
N GLU A 84 17.36 -11.08 14.23
CA GLU A 84 16.69 -12.21 14.86
C GLU A 84 17.54 -13.47 14.98
N GLU A 85 18.36 -13.76 13.98
CA GLU A 85 19.20 -14.95 14.04
C GLU A 85 20.51 -14.79 14.81
N LYS A 86 21.22 -13.68 14.60
CA LYS A 86 22.50 -13.46 15.26
C LYS A 86 22.47 -12.62 16.53
N GLY A 87 21.53 -11.68 16.61
CA GLY A 87 21.44 -10.85 17.80
C GLY A 87 22.29 -9.59 17.71
N HIS A 88 21.95 -8.62 18.55
CA HIS A 88 22.64 -7.34 18.61
C HIS A 88 24.13 -7.41 18.90
N GLU A 89 24.52 -8.21 19.90
CA GLU A 89 25.92 -8.32 20.27
C GLU A 89 26.81 -8.73 19.11
N TYR A 90 26.34 -9.69 18.31
CA TYR A 90 27.11 -10.16 17.16
C TYR A 90 27.32 -9.02 16.18
N ILE A 91 26.24 -8.32 15.85
CA ILE A 91 26.32 -7.21 14.92
C ILE A 91 27.25 -6.10 15.41
N ASN A 92 27.14 -5.77 16.69
CA ASN A 92 28.00 -4.73 17.27
C ASN A 92 29.47 -5.13 17.22
N ASN A 93 29.76 -6.39 17.51
CA ASN A 93 31.13 -6.87 17.48
C ASN A 93 31.72 -6.75 16.08
N ILE A 94 30.94 -7.09 15.07
CA ILE A 94 31.41 -7.02 13.69
C ILE A 94 31.84 -5.59 13.39
N HIS A 95 31.09 -4.61 13.91
CA HIS A 95 31.39 -3.20 13.69
C HIS A 95 32.27 -2.61 14.80
N LEU A 96 32.84 -3.48 15.63
CA LEU A 96 33.72 -3.04 16.71
C LEU A 96 33.13 -1.87 17.49
N THR A 97 31.90 -2.06 18.00
CA THR A 97 31.22 -1.03 18.77
C THR A 97 30.99 -1.49 20.21
N ALA B 1 33.19 -8.96 0.22
CA ALA B 1 32.31 -8.73 -0.93
C ALA B 1 31.87 -7.27 -0.89
N VAL B 2 31.05 -6.87 -1.85
CA VAL B 2 30.58 -5.49 -1.92
C VAL B 2 29.10 -5.42 -2.28
N PRO B 3 28.38 -4.42 -1.75
CA PRO B 3 26.95 -4.29 -2.05
C PRO B 3 26.65 -3.92 -3.49
N ILE B 4 25.47 -4.30 -3.97
CA ILE B 4 25.05 -4.00 -5.33
C ILE B 4 23.64 -3.42 -5.33
N LEU C 8 -2.48 -11.60 4.76
CA LEU C 8 -3.58 -11.95 3.81
C LEU C 8 -3.05 -12.83 2.69
N PRO C 9 -3.87 -13.77 2.20
CA PRO C 9 -3.47 -14.68 1.12
C PRO C 9 -3.27 -13.97 -0.22
N ARG C 10 -2.26 -14.42 -0.96
CA ARG C 10 -1.94 -13.83 -2.26
C ARG C 10 -3.11 -13.91 -3.26
N ASN C 11 -3.88 -14.98 -3.18
CA ASN C 11 -5.01 -15.16 -4.09
C ASN C 11 -6.25 -15.57 -3.32
N PRO C 12 -6.97 -14.59 -2.76
CA PRO C 12 -8.18 -14.86 -1.99
C PRO C 12 -9.27 -15.62 -2.73
N SER C 13 -9.32 -15.51 -4.06
CA SER C 13 -10.34 -16.22 -4.83
C SER C 13 -10.11 -17.73 -4.79
N MET C 14 -8.92 -18.14 -4.33
CA MET C 14 -8.60 -19.56 -4.22
C MET C 14 -8.59 -20.04 -2.77
N THR C 15 -9.27 -19.31 -1.89
CA THR C 15 -9.32 -19.67 -0.48
C THR C 15 -10.12 -20.95 -0.25
N GLY C 16 -11.11 -21.19 -1.09
CA GLY C 16 -11.93 -22.38 -0.95
C GLY C 16 -11.39 -23.63 -1.60
N TYR C 17 -11.63 -24.77 -0.96
CA TYR C 17 -11.16 -26.06 -1.47
C TYR C 17 -11.67 -26.36 -2.89
N GLU C 18 -12.98 -26.22 -3.11
CA GLU C 18 -13.57 -26.48 -4.41
C GLU C 18 -13.01 -25.58 -5.50
N ALA C 19 -12.84 -24.30 -5.19
CA ALA C 19 -12.30 -23.35 -6.14
C ALA C 19 -10.92 -23.80 -6.62
N ARG C 20 -10.12 -24.37 -5.71
CA ARG C 20 -8.79 -24.83 -6.07
C ARG C 20 -8.88 -26.17 -6.83
N LEU C 21 -9.73 -27.07 -6.34
CA LEU C 21 -9.89 -28.38 -6.96
C LEU C 21 -10.24 -28.29 -8.44
N ILE C 22 -11.18 -27.42 -8.79
CA ILE C 22 -11.61 -27.32 -10.18
C ILE C 22 -10.52 -26.89 -11.15
N THR C 23 -9.47 -26.25 -10.63
CA THR C 23 -8.38 -25.81 -11.51
C THR C 23 -7.55 -26.95 -12.06
N PHE C 24 -7.62 -28.11 -11.45
CA PHE C 24 -6.81 -29.19 -11.98
C PHE C 24 -7.51 -29.84 -13.16
N GLY C 25 -8.76 -29.43 -13.41
CA GLY C 25 -9.54 -29.99 -14.50
C GLY C 25 -9.31 -31.49 -14.52
N THR C 26 -8.94 -32.02 -15.67
CA THR C 26 -8.61 -33.43 -15.78
C THR C 26 -7.11 -33.39 -15.56
N TRP C 27 -6.68 -33.83 -14.38
CA TRP C 27 -5.28 -33.83 -13.97
C TRP C 27 -4.52 -35.04 -14.50
N MET C 28 -3.54 -34.80 -15.39
CA MET C 28 -2.75 -35.86 -16.01
C MET C 28 -1.41 -36.10 -15.33
N TYR C 29 -1.19 -35.53 -14.16
CA TYR C 29 0.11 -35.73 -13.52
C TYR C 29 0.22 -36.65 -12.33
N SER C 30 1.45 -36.80 -11.86
CA SER C 30 1.80 -37.69 -10.76
C SER C 30 0.96 -37.66 -9.49
N VAL C 31 0.94 -36.51 -8.84
CA VAL C 31 0.22 -36.39 -7.57
C VAL C 31 -1.28 -36.16 -7.65
N ASN C 32 -1.96 -36.79 -6.72
CA ASN C 32 -3.40 -36.72 -6.55
C ASN C 32 -3.83 -35.27 -6.37
N LYS C 33 -4.73 -34.83 -7.23
CA LYS C 33 -5.23 -33.46 -7.20
C LYS C 33 -5.98 -33.06 -5.93
N GLU C 34 -6.67 -34.01 -5.31
CA GLU C 34 -7.40 -33.71 -4.07
C GLU C 34 -6.40 -33.35 -2.96
N GLN C 35 -5.31 -34.10 -2.89
CA GLN C 35 -4.28 -33.86 -1.88
C GLN C 35 -3.62 -32.51 -2.14
N LEU C 36 -3.35 -32.21 -3.40
CA LEU C 36 -2.73 -30.93 -3.75
C LEU C 36 -3.65 -29.79 -3.32
N ALA C 37 -4.93 -29.87 -3.69
CA ALA C 37 -5.90 -28.83 -3.34
C ALA C 37 -6.03 -28.67 -1.82
N ARG C 38 -6.09 -29.78 -1.08
CA ARG C 38 -6.20 -29.71 0.38
C ARG C 38 -4.98 -29.00 0.98
N ALA C 39 -3.81 -29.21 0.36
CA ALA C 39 -2.58 -28.60 0.84
C ALA C 39 -2.49 -27.12 0.46
N GLY C 40 -3.57 -26.58 -0.09
CA GLY C 40 -3.62 -25.18 -0.46
C GLY C 40 -3.19 -24.82 -1.88
N PHE C 41 -2.86 -25.83 -2.67
CA PHE C 41 -2.40 -25.60 -4.03
C PHE C 41 -3.50 -25.62 -5.09
N TYR C 42 -3.28 -24.87 -6.17
CA TYR C 42 -4.20 -24.83 -7.31
C TYR C 42 -3.31 -24.80 -8.56
N ALA C 43 -3.76 -25.46 -9.62
CA ALA C 43 -2.99 -25.51 -10.87
C ALA C 43 -3.05 -24.19 -11.62
N ILE C 44 -1.94 -23.81 -12.25
CA ILE C 44 -1.90 -22.56 -12.99
C ILE C 44 -2.00 -22.74 -14.52
N GLY C 45 -2.05 -23.99 -14.97
CA GLY C 45 -2.16 -24.25 -16.40
C GLY C 45 -0.84 -24.42 -17.13
N GLN C 46 0.20 -24.82 -16.42
CA GLN C 46 1.52 -25.03 -17.01
C GLN C 46 2.07 -26.35 -16.47
N GLU C 47 1.91 -27.42 -17.25
CA GLU C 47 2.36 -28.74 -16.83
C GLU C 47 1.76 -29.04 -15.47
N ASP C 48 2.57 -29.56 -14.54
CA ASP C 48 2.06 -29.88 -13.21
C ASP C 48 2.37 -28.78 -12.19
N LYS C 49 2.55 -27.56 -12.68
CA LYS C 49 2.87 -26.43 -11.82
C LYS C 49 1.67 -25.97 -11.00
N VAL C 50 1.88 -25.84 -9.70
CA VAL C 50 0.82 -25.40 -8.79
C VAL C 50 1.36 -24.30 -7.88
N GLN C 51 0.46 -23.53 -7.29
CA GLN C 51 0.82 -22.45 -6.40
C GLN C 51 -0.11 -22.41 -5.22
N CYS C 52 0.42 -22.00 -4.07
CA CYS C 52 -0.37 -21.89 -2.86
C CYS C 52 -1.20 -20.62 -2.90
N PHE C 53 -2.49 -20.72 -2.58
CA PHE C 53 -3.38 -19.57 -2.60
C PHE C 53 -2.97 -18.53 -1.56
N HIS C 54 -2.33 -18.99 -0.49
CA HIS C 54 -1.94 -18.10 0.60
C HIS C 54 -0.56 -17.46 0.47
N CYS C 55 0.49 -18.26 0.50
CA CYS C 55 1.85 -17.71 0.41
C CYS C 55 2.30 -17.44 -1.03
N GLY C 56 1.59 -17.97 -2.00
CA GLY C 56 1.96 -17.75 -3.40
C GLY C 56 3.11 -18.64 -3.86
N GLY C 57 3.60 -19.49 -2.97
CA GLY C 57 4.71 -20.37 -3.33
C GLY C 57 4.36 -21.38 -4.43
N GLY C 58 5.18 -21.42 -5.47
CA GLY C 58 4.94 -22.33 -6.58
C GLY C 58 5.80 -23.58 -6.52
N LEU C 59 5.25 -24.68 -7.04
CA LEU C 59 5.95 -25.96 -7.04
C LEU C 59 5.70 -26.69 -8.36
N ALA C 60 6.74 -27.34 -8.89
CA ALA C 60 6.65 -28.06 -10.15
C ALA C 60 7.47 -29.35 -10.14
N ASN C 61 7.29 -30.17 -11.17
CA ASN C 61 8.03 -31.42 -11.30
C ASN C 61 7.77 -32.38 -10.13
N TRP C 62 6.48 -32.58 -9.80
CA TRP C 62 6.10 -33.47 -8.71
C TRP C 62 6.37 -34.93 -9.08
N LYS C 63 6.81 -35.70 -8.08
CA LYS C 63 7.10 -37.11 -8.28
C LYS C 63 5.99 -37.98 -7.66
N PRO C 64 5.86 -39.22 -8.14
CA PRO C 64 4.84 -40.14 -7.63
C PRO C 64 4.95 -40.36 -6.12
N LYS C 65 3.81 -40.39 -5.45
CA LYS C 65 3.75 -40.63 -4.01
C LYS C 65 4.22 -39.48 -3.12
N GLU C 66 4.60 -38.35 -3.70
CA GLU C 66 5.01 -37.23 -2.87
C GLU C 66 3.81 -36.70 -2.07
N ASP C 67 4.09 -36.17 -0.88
CA ASP C 67 3.06 -35.64 -0.01
C ASP C 67 3.01 -34.11 -0.13
N PRO C 68 1.93 -33.56 -0.71
CA PRO C 68 1.75 -32.11 -0.91
C PRO C 68 1.99 -31.27 0.35
N TRP C 69 1.52 -31.75 1.51
CA TRP C 69 1.71 -31.03 2.75
C TRP C 69 3.19 -31.01 3.12
N GLU C 70 3.85 -32.15 2.89
CA GLU C 70 5.26 -32.29 3.18
C GLU C 70 6.12 -31.38 2.31
N GLN C 71 5.81 -31.33 1.01
CA GLN C 71 6.55 -30.48 0.08
C GLN C 71 6.28 -29.02 0.37
N HIS C 72 5.05 -28.74 0.80
CA HIS C 72 4.67 -27.37 1.13
C HIS C 72 5.52 -26.90 2.29
N ALA C 73 5.64 -27.75 3.31
CA ALA C 73 6.40 -27.43 4.50
C ALA C 73 7.90 -27.36 4.25
N LYS C 74 8.40 -28.27 3.40
CA LYS C 74 9.82 -28.28 3.07
C LYS C 74 10.29 -27.01 2.36
N TRP C 75 9.59 -26.66 1.29
CA TRP C 75 9.95 -25.50 0.50
C TRP C 75 9.47 -24.14 0.99
N TYR C 76 8.27 -24.10 1.56
CA TYR C 76 7.72 -22.84 2.05
C TYR C 76 7.31 -22.88 3.52
N PRO C 77 8.28 -23.10 4.41
CA PRO C 77 8.03 -23.17 5.86
C PRO C 77 7.46 -21.89 6.44
N GLY C 78 7.57 -20.78 5.70
CA GLY C 78 7.05 -19.52 6.19
C GLY C 78 5.58 -19.29 5.88
N CYS C 79 4.95 -20.23 5.17
CA CYS C 79 3.54 -20.06 4.81
C CYS C 79 2.61 -20.03 6.01
N LYS C 80 1.78 -18.99 6.08
CA LYS C 80 0.81 -18.82 7.15
C LYS C 80 -0.30 -19.87 7.11
N TYR C 81 -0.71 -20.28 5.91
CA TYR C 81 -1.76 -21.29 5.77
C TYR C 81 -1.24 -22.62 6.32
N LEU C 82 -0.01 -22.95 5.94
CA LEU C 82 0.63 -24.16 6.43
C LEU C 82 0.67 -24.12 7.96
N LEU C 83 1.12 -23.00 8.52
CA LEU C 83 1.18 -22.86 9.97
C LEU C 83 -0.17 -23.06 10.64
N GLU C 84 -1.18 -22.34 10.18
CA GLU C 84 -2.51 -22.47 10.77
C GLU C 84 -3.13 -23.86 10.66
N GLU C 85 -2.91 -24.53 9.53
CA GLU C 85 -3.49 -25.86 9.36
C GLU C 85 -2.70 -26.99 10.00
N LYS C 86 -1.39 -26.99 9.84
CA LYS C 86 -0.54 -28.06 10.36
C LYS C 86 0.15 -27.79 11.69
N GLY C 87 0.49 -26.53 11.96
CA GLY C 87 1.15 -26.17 13.21
C GLY C 87 2.67 -26.21 13.20
N HIS C 88 3.28 -25.57 14.20
CA HIS C 88 4.74 -25.49 14.33
C HIS C 88 5.48 -26.81 14.45
N GLU C 89 4.95 -27.75 15.23
CA GLU C 89 5.62 -29.03 15.39
C GLU C 89 5.71 -29.81 14.07
N TYR C 90 4.64 -29.82 13.30
CA TYR C 90 4.64 -30.53 12.02
C TYR C 90 5.75 -29.97 11.14
N ILE C 91 5.78 -28.64 11.02
CA ILE C 91 6.79 -27.99 10.19
C ILE C 91 8.20 -28.29 10.69
N ASN C 92 8.40 -28.23 12.01
CA ASN C 92 9.71 -28.52 12.58
C ASN C 92 10.13 -29.95 12.31
N ASN C 93 9.20 -30.89 12.43
CA ASN C 93 9.52 -32.29 12.18
C ASN C 93 9.95 -32.51 10.74
N ILE C 94 9.27 -31.86 9.81
CA ILE C 94 9.63 -31.99 8.40
C ILE C 94 11.08 -31.58 8.20
N HIS C 95 11.50 -30.52 8.89
CA HIS C 95 12.88 -30.03 8.77
C HIS C 95 13.81 -30.65 9.83
N LEU C 96 13.36 -31.73 10.45
CA LEU C 96 14.13 -32.43 11.47
C LEU C 96 14.78 -31.47 12.47
N THR C 97 13.97 -30.56 13.02
CA THR C 97 14.48 -29.58 13.98
C THR C 97 13.42 -29.15 14.98
N ARG C 98 13.76 -28.14 15.77
CA ARG C 98 12.87 -27.57 16.78
C ARG C 98 13.22 -26.10 16.95
N SER C 99 12.25 -25.28 17.34
CA SER C 99 12.48 -23.85 17.52
C SER C 99 11.61 -23.28 18.64
N LEU C 100 11.78 -21.99 18.91
CA LEU C 100 11.02 -21.31 19.96
C LEU C 100 9.55 -21.20 19.51
N GLU C 101 8.66 -20.98 20.46
CA GLU C 101 7.24 -20.86 20.14
C GLU C 101 6.88 -19.56 19.45
N GLY C 102 7.86 -18.98 18.76
CA GLY C 102 7.63 -17.74 18.05
C GLY C 102 8.70 -17.52 17.00
N ALA C 103 9.18 -18.62 16.41
CA ALA C 103 10.22 -18.54 15.40
C ALA C 103 9.92 -19.39 14.16
N LEU C 104 10.07 -18.78 12.99
CA LEU C 104 9.85 -19.49 11.74
C LEU C 104 11.13 -20.26 11.43
N VAL C 105 10.98 -21.40 10.75
CA VAL C 105 12.13 -22.22 10.39
C VAL C 105 12.69 -21.64 9.09
N GLN C 106 13.69 -20.77 9.23
CA GLN C 106 14.29 -20.13 8.06
C GLN C 106 15.80 -20.34 7.92
N THR C 107 16.39 -21.13 8.81
CA THR C 107 17.83 -21.36 8.77
C THR C 107 18.28 -22.81 8.52
N THR C 108 17.34 -23.76 8.47
CA THR C 108 17.70 -25.15 8.25
C THR C 108 16.67 -26.00 7.50
N ALA D 1 9.20 -32.57 -5.33
CA ALA D 1 8.93 -31.47 -6.26
C ALA D 1 9.94 -30.38 -5.98
N VAL D 2 9.91 -29.34 -6.80
CA VAL D 2 10.85 -28.23 -6.66
C VAL D 2 10.16 -26.89 -6.92
N PRO D 3 10.71 -25.79 -6.38
CA PRO D 3 10.07 -24.49 -6.60
C PRO D 3 10.14 -23.93 -8.02
N ILE D 4 9.11 -23.15 -8.37
CA ILE D 4 9.02 -22.51 -9.69
C ILE D 4 9.74 -21.17 -9.64
N ASN E 7 -11.69 -7.15 4.48
CA ASN E 7 -12.50 -6.15 5.22
C ASN E 7 -13.25 -5.25 4.25
N LEU E 8 -12.50 -4.49 3.45
CA LEU E 8 -13.09 -3.59 2.47
C LEU E 8 -13.47 -4.35 1.21
N PRO E 9 -14.72 -4.21 0.76
CA PRO E 9 -15.19 -4.90 -0.45
C PRO E 9 -14.42 -4.51 -1.70
N ARG E 10 -14.35 -5.43 -2.66
CA ARG E 10 -13.64 -5.16 -3.90
C ARG E 10 -14.35 -4.14 -4.79
N ASN E 11 -15.66 -3.98 -4.62
CA ASN E 11 -16.40 -3.00 -5.40
C ASN E 11 -17.43 -2.32 -4.51
N PRO E 12 -16.98 -1.33 -3.72
CA PRO E 12 -17.87 -0.61 -2.81
C PRO E 12 -19.09 0.04 -3.47
N SER E 13 -18.98 0.38 -4.75
CA SER E 13 -20.10 1.02 -5.44
C SER E 13 -21.26 0.04 -5.64
N MET E 14 -21.00 -1.24 -5.37
CA MET E 14 -22.04 -2.26 -5.49
C MET E 14 -22.46 -2.80 -4.12
N THR E 15 -22.20 -2.03 -3.07
CA THR E 15 -22.56 -2.44 -1.71
C THR E 15 -24.07 -2.48 -1.51
N GLY E 16 -24.80 -1.61 -2.19
CA GLY E 16 -26.24 -1.56 -2.06
C GLY E 16 -26.99 -2.56 -2.93
N TYR E 17 -28.10 -3.06 -2.39
CA TYR E 17 -28.95 -4.02 -3.09
C TYR E 17 -29.44 -3.47 -4.45
N GLU E 18 -30.01 -2.27 -4.43
CA GLU E 18 -30.52 -1.67 -5.66
C GLU E 18 -29.44 -1.46 -6.72
N ALA E 19 -28.26 -1.03 -6.29
CA ALA E 19 -27.16 -0.81 -7.22
C ALA E 19 -26.82 -2.11 -7.95
N ARG E 20 -26.88 -3.23 -7.25
CA ARG E 20 -26.59 -4.53 -7.85
C ARG E 20 -27.75 -5.01 -8.73
N LEU E 21 -28.98 -4.85 -8.24
CA LEU E 21 -30.17 -5.29 -8.93
C LEU E 21 -30.29 -4.68 -10.33
N ILE E 22 -30.04 -3.37 -10.42
CA ILE E 22 -30.15 -2.69 -11.70
C ILE E 22 -29.22 -3.22 -12.78
N THR E 23 -28.13 -3.89 -12.39
CA THR E 23 -27.20 -4.44 -13.39
C THR E 23 -27.84 -5.62 -14.11
N PHE E 24 -28.93 -6.14 -13.55
CA PHE E 24 -29.66 -7.27 -14.14
C PHE E 24 -30.87 -6.76 -14.94
N GLY E 25 -30.75 -5.58 -15.52
CA GLY E 25 -31.87 -5.01 -16.28
C GLY E 25 -32.42 -5.99 -17.30
N THR E 26 -31.64 -6.23 -18.36
CA THR E 26 -32.05 -7.16 -19.40
C THR E 26 -31.50 -8.54 -19.07
N TRP E 27 -31.99 -9.13 -17.98
CA TRP E 27 -31.53 -10.44 -17.54
C TRP E 27 -32.41 -11.55 -18.09
N MET E 28 -31.84 -12.33 -19.01
CA MET E 28 -32.58 -13.42 -19.62
C MET E 28 -32.01 -14.79 -19.26
N TYR E 29 -31.92 -15.07 -17.96
CA TYR E 29 -31.41 -16.36 -17.50
C TYR E 29 -32.30 -16.99 -16.44
N SER E 30 -32.19 -18.30 -16.30
CA SER E 30 -32.99 -19.06 -15.35
C SER E 30 -32.93 -18.57 -13.91
N VAL E 31 -31.72 -18.34 -13.40
CA VAL E 31 -31.55 -17.90 -12.02
C VAL E 31 -32.13 -16.52 -11.72
N ASN E 32 -32.97 -16.47 -10.70
CA ASN E 32 -33.65 -15.26 -10.24
C ASN E 32 -32.65 -14.12 -9.97
N LYS E 33 -32.86 -12.97 -10.61
CA LYS E 33 -31.97 -11.83 -10.42
C LYS E 33 -32.04 -11.21 -9.03
N GLU E 34 -33.21 -11.26 -8.41
CA GLU E 34 -33.36 -10.71 -7.07
C GLU E 34 -32.53 -11.55 -6.09
N GLN E 35 -32.60 -12.87 -6.24
CA GLN E 35 -31.86 -13.78 -5.39
C GLN E 35 -30.36 -13.59 -5.58
N LEU E 36 -29.96 -13.39 -6.83
CA LEU E 36 -28.55 -13.16 -7.15
C LEU E 36 -28.09 -11.88 -6.46
N ALA E 37 -28.85 -10.80 -6.63
CA ALA E 37 -28.50 -9.51 -6.01
C ALA E 37 -28.44 -9.61 -4.49
N ARG E 38 -29.41 -10.29 -3.89
CA ARG E 38 -29.42 -10.42 -2.43
C ARG E 38 -28.18 -11.17 -1.96
N ALA E 39 -27.73 -12.14 -2.75
CA ALA E 39 -26.56 -12.94 -2.41
C ALA E 39 -25.25 -12.16 -2.63
N GLY E 40 -25.38 -10.88 -2.96
CA GLY E 40 -24.20 -10.04 -3.15
C GLY E 40 -23.67 -9.97 -4.57
N PHE E 41 -24.33 -10.64 -5.52
CA PHE E 41 -23.86 -10.64 -6.89
C PHE E 41 -24.42 -9.52 -7.76
N TYR E 42 -23.67 -9.14 -8.79
CA TYR E 42 -24.11 -8.14 -9.76
C TYR E 42 -23.60 -8.62 -11.12
N ALA E 43 -24.38 -8.38 -12.17
CA ALA E 43 -24.01 -8.81 -13.51
C ALA E 43 -22.93 -7.91 -14.10
N ILE E 44 -22.00 -8.51 -14.84
CA ILE E 44 -20.92 -7.74 -15.45
C ILE E 44 -21.16 -7.48 -16.94
N GLY E 45 -22.30 -7.95 -17.46
CA GLY E 45 -22.62 -7.74 -18.85
C GLY E 45 -22.03 -8.75 -19.84
N GLN E 46 -21.74 -9.95 -19.36
CA GLN E 46 -21.17 -11.01 -20.19
C GLN E 46 -21.91 -12.31 -19.91
N GLU E 47 -22.88 -12.62 -20.76
CA GLU E 47 -23.68 -13.82 -20.60
C GLU E 47 -24.28 -13.81 -19.20
N ASP E 48 -24.18 -14.93 -18.49
CA ASP E 48 -24.74 -15.01 -17.13
C ASP E 48 -23.66 -14.85 -16.07
N LYS E 49 -22.57 -14.16 -16.42
CA LYS E 49 -21.47 -13.95 -15.49
C LYS E 49 -21.80 -12.90 -14.44
N VAL E 50 -21.55 -13.25 -13.17
CA VAL E 50 -21.81 -12.33 -12.06
C VAL E 50 -20.59 -12.31 -11.14
N GLN E 51 -20.50 -11.27 -10.31
CA GLN E 51 -19.39 -11.15 -9.37
C GLN E 51 -19.90 -10.60 -8.03
N CYS E 52 -19.27 -11.05 -6.94
CA CYS E 52 -19.66 -10.58 -5.63
C CYS E 52 -19.02 -9.22 -5.41
N PHE E 53 -19.80 -8.28 -4.90
CA PHE E 53 -19.29 -6.93 -4.64
C PHE E 53 -18.22 -6.93 -3.55
N HIS E 54 -18.27 -7.92 -2.67
CA HIS E 54 -17.34 -7.99 -1.55
C HIS E 54 -16.06 -8.76 -1.80
N CYS E 55 -16.16 -10.07 -2.03
CA CYS E 55 -14.98 -10.90 -2.26
C CYS E 55 -14.50 -10.86 -3.71
N GLY E 56 -15.33 -10.31 -4.61
CA GLY E 56 -14.93 -10.25 -6.01
C GLY E 56 -15.00 -11.58 -6.74
N GLY E 57 -15.49 -12.60 -6.06
CA GLY E 57 -15.60 -13.91 -6.68
C GLY E 57 -16.63 -13.94 -7.80
N GLY E 58 -16.23 -14.46 -8.96
CA GLY E 58 -17.11 -14.53 -10.11
C GLY E 58 -17.71 -15.90 -10.34
N LEU E 59 -18.93 -15.93 -10.87
CA LEU E 59 -19.64 -17.18 -11.13
C LEU E 59 -20.35 -17.11 -12.49
N ALA E 60 -20.35 -18.21 -13.23
CA ALA E 60 -20.99 -18.27 -14.53
C ALA E 60 -21.58 -19.66 -14.80
N ASN E 61 -22.38 -19.76 -15.86
CA ASN E 61 -22.99 -21.03 -16.25
C ASN E 61 -23.95 -21.53 -15.19
N TRP E 62 -24.84 -20.66 -14.73
CA TRP E 62 -25.80 -21.05 -13.72
C TRP E 62 -26.76 -22.10 -14.27
N LYS E 63 -27.19 -22.99 -13.39
CA LYS E 63 -28.13 -24.04 -13.76
C LYS E 63 -29.47 -23.72 -13.13
N PRO E 64 -30.58 -24.07 -13.80
CA PRO E 64 -31.93 -23.80 -13.30
C PRO E 64 -32.12 -24.21 -11.84
N LYS E 65 -32.83 -23.37 -11.10
CA LYS E 65 -33.13 -23.62 -9.70
C LYS E 65 -31.91 -23.53 -8.77
N GLU E 66 -30.73 -23.24 -9.31
CA GLU E 66 -29.56 -23.13 -8.46
C GLU E 66 -29.77 -22.01 -7.45
N ASP E 67 -29.27 -22.20 -6.24
CA ASP E 67 -29.38 -21.23 -5.17
C ASP E 67 -28.13 -20.36 -5.09
N PRO E 68 -28.27 -19.05 -5.31
CA PRO E 68 -27.13 -18.12 -5.26
C PRO E 68 -26.30 -18.16 -3.97
N TRP E 69 -26.97 -18.20 -2.81
CA TRP E 69 -26.24 -18.25 -1.54
C TRP E 69 -25.46 -19.56 -1.39
N GLU E 70 -26.06 -20.66 -1.83
CA GLU E 70 -25.41 -21.98 -1.76
C GLU E 70 -24.17 -21.98 -2.63
N GLN E 71 -24.32 -21.45 -3.84
CA GLN E 71 -23.20 -21.38 -4.78
C GLN E 71 -22.13 -20.44 -4.23
N HIS E 72 -22.57 -19.33 -3.64
CA HIS E 72 -21.64 -18.36 -3.09
C HIS E 72 -20.82 -19.04 -2.00
N ALA E 73 -21.50 -19.77 -1.12
CA ALA E 73 -20.84 -20.47 -0.02
C ALA E 73 -19.97 -21.63 -0.50
N LYS E 74 -20.45 -22.36 -1.51
CA LYS E 74 -19.68 -23.49 -2.02
C LYS E 74 -18.35 -23.08 -2.64
N TRP E 75 -18.41 -22.10 -3.53
CA TRP E 75 -17.22 -21.65 -4.24
C TRP E 75 -16.33 -20.64 -3.54
N TYR E 76 -16.95 -19.73 -2.77
CA TYR E 76 -16.18 -18.71 -2.08
C TYR E 76 -16.47 -18.67 -0.57
N PRO E 77 -16.17 -19.76 0.14
CA PRO E 77 -16.40 -19.85 1.57
C PRO E 77 -15.65 -18.79 2.39
N GLY E 78 -14.63 -18.18 1.78
CA GLY E 78 -13.86 -17.17 2.48
C GLY E 78 -14.44 -15.76 2.42
N CYS E 79 -15.52 -15.58 1.68
CA CYS E 79 -16.13 -14.27 1.55
C CYS E 79 -16.64 -13.68 2.86
N LYS E 80 -16.20 -12.46 3.18
CA LYS E 80 -16.61 -11.81 4.42
C LYS E 80 -18.08 -11.37 4.40
N TYR E 81 -18.62 -11.10 3.20
CA TYR E 81 -20.02 -10.71 3.11
C TYR E 81 -20.88 -11.93 3.43
N LEU E 82 -20.49 -13.07 2.86
CA LEU E 82 -21.19 -14.33 3.10
C LEU E 82 -21.17 -14.64 4.59
N LEU E 83 -19.99 -14.50 5.21
CA LEU E 83 -19.86 -14.77 6.63
C LEU E 83 -20.76 -13.88 7.47
N GLU E 84 -20.70 -12.57 7.26
CA GLU E 84 -21.52 -11.65 8.03
C GLU E 84 -23.02 -11.87 7.85
N GLU E 85 -23.47 -12.18 6.64
CA GLU E 85 -24.89 -12.38 6.39
C GLU E 85 -25.44 -13.75 6.76
N LYS E 86 -24.70 -14.80 6.41
CA LYS E 86 -25.16 -16.16 6.67
C LYS E 86 -24.62 -16.88 7.90
N GLY E 87 -23.37 -16.61 8.28
CA GLY E 87 -22.79 -17.25 9.45
C GLY E 87 -22.07 -18.57 9.21
N HIS E 88 -21.15 -18.92 10.11
CA HIS E 88 -20.36 -20.16 10.06
C HIS E 88 -21.17 -21.43 9.90
N GLU E 89 -22.23 -21.57 10.71
CA GLU E 89 -23.05 -22.77 10.64
C GLU E 89 -23.60 -23.00 9.24
N TYR E 90 -24.05 -21.93 8.60
CA TYR E 90 -24.59 -22.04 7.25
C TYR E 90 -23.48 -22.51 6.29
N ILE E 91 -22.34 -21.83 6.33
CA ILE E 91 -21.24 -22.17 5.45
C ILE E 91 -20.73 -23.60 5.70
N ASN E 92 -20.58 -23.97 6.96
CA ASN E 92 -20.13 -25.31 7.30
C ASN E 92 -21.11 -26.38 6.81
N ASN E 93 -22.40 -26.11 6.95
CA ASN E 93 -23.41 -27.07 6.50
C ASN E 93 -23.34 -27.27 4.99
N ILE E 94 -23.14 -26.19 4.25
CA ILE E 94 -23.04 -26.28 2.80
C ILE E 94 -21.89 -27.24 2.44
N HIS E 95 -20.80 -27.18 3.18
CA HIS E 95 -19.65 -28.05 2.92
C HIS E 95 -19.69 -29.35 3.72
N LEU E 96 -20.87 -29.65 4.29
CA LEU E 96 -21.06 -30.86 5.09
C LEU E 96 -19.90 -31.04 6.06
N THR E 97 -19.60 -29.99 6.81
CA THR E 97 -18.50 -30.02 7.77
C THR E 97 -18.85 -29.34 9.09
N ALA F 1 -23.07 -23.86 -10.43
CA ALA F 1 -22.39 -22.98 -11.37
C ALA F 1 -20.89 -23.17 -11.20
N VAL F 2 -20.09 -22.37 -11.90
CA VAL F 2 -18.65 -22.51 -11.80
C VAL F 2 -17.94 -21.16 -11.78
N PRO F 3 -16.78 -21.08 -11.10
CA PRO F 3 -16.06 -19.81 -11.05
C PRO F 3 -15.56 -19.39 -12.41
N ILE F 4 -15.43 -18.08 -12.63
CA ILE F 4 -14.97 -17.56 -13.91
C ILE F 4 -13.44 -17.60 -13.97
N ASN G 7 -13.53 3.97 4.72
CA ASN G 7 -12.31 4.32 5.49
C ASN G 7 -11.83 5.70 5.05
N LEU G 8 -10.97 5.73 4.04
CA LEU G 8 -10.45 6.98 3.52
C LEU G 8 -11.22 7.39 2.27
N PRO G 9 -11.55 8.68 2.13
CA PRO G 9 -12.31 9.18 0.98
C PRO G 9 -11.56 8.99 -0.34
N ARG G 10 -12.29 8.57 -1.37
CA ARG G 10 -11.72 8.34 -2.69
C ARG G 10 -11.07 9.59 -3.28
N ASN G 11 -11.66 10.76 -3.03
CA ASN G 11 -11.11 12.01 -3.57
C ASN G 11 -11.04 13.07 -2.47
N PRO G 12 -9.98 13.04 -1.67
CA PRO G 12 -9.79 14.00 -0.57
C PRO G 12 -9.75 15.47 -0.99
N SER G 13 -9.36 15.74 -2.22
CA SER G 13 -9.32 17.13 -2.68
C SER G 13 -10.75 17.69 -2.81
N MET G 14 -11.74 16.81 -2.79
CA MET G 14 -13.13 17.24 -2.88
C MET G 14 -13.85 17.12 -1.52
N THR G 15 -13.08 17.10 -0.44
CA THR G 15 -13.65 17.00 0.90
C THR G 15 -14.43 18.26 1.31
N GLY G 16 -13.99 19.41 0.81
CA GLY G 16 -14.66 20.66 1.16
C GLY G 16 -15.86 21.00 0.28
N TYR G 17 -16.86 21.62 0.90
CA TYR G 17 -18.08 22.03 0.22
C TYR G 17 -17.79 22.94 -0.98
N GLU G 18 -17.02 23.99 -0.77
CA GLU G 18 -16.69 24.94 -1.83
C GLU G 18 -15.97 24.27 -3.00
N ALA G 19 -15.03 23.40 -2.69
CA ALA G 19 -14.28 22.69 -3.73
C ALA G 19 -15.23 21.91 -4.64
N ARG G 20 -16.26 21.33 -4.05
CA ARG G 20 -17.23 20.57 -4.82
C ARG G 20 -18.17 21.51 -5.60
N LEU G 21 -18.63 22.55 -4.92
CA LEU G 21 -19.57 23.52 -5.52
C LEU G 21 -19.03 24.14 -6.80
N ILE G 22 -17.76 24.52 -6.79
CA ILE G 22 -17.17 25.17 -7.95
C ILE G 22 -17.17 24.28 -9.21
N THR G 23 -17.26 22.97 -9.03
CA THR G 23 -17.26 22.09 -10.19
C THR G 23 -18.60 22.22 -10.92
N PHE G 24 -19.55 22.90 -10.28
CA PHE G 24 -20.90 23.11 -10.83
C PHE G 24 -21.08 24.50 -11.43
N GLY G 25 -20.00 25.26 -11.51
CA GLY G 25 -20.07 26.61 -12.03
C GLY G 25 -20.87 26.80 -13.31
N THR G 26 -20.94 25.77 -14.14
CA THR G 26 -21.68 25.86 -15.40
C THR G 26 -22.87 24.92 -15.43
N TRP G 27 -23.29 24.46 -14.25
CA TRP G 27 -24.40 23.53 -14.12
C TRP G 27 -25.71 24.17 -14.57
N MET G 28 -26.38 23.55 -15.55
CA MET G 28 -27.64 24.09 -16.05
C MET G 28 -28.80 23.11 -15.92
N TYR G 29 -28.59 22.02 -15.19
CA TYR G 29 -29.63 21.02 -15.00
C TYR G 29 -30.59 21.39 -13.88
N SER G 30 -31.75 20.76 -13.88
CA SER G 30 -32.80 21.03 -12.90
C SER G 30 -32.38 20.87 -11.44
N VAL G 31 -31.86 19.70 -11.08
CA VAL G 31 -31.43 19.47 -9.70
C VAL G 31 -30.45 20.54 -9.26
N ASN G 32 -30.70 21.12 -8.09
CA ASN G 32 -29.86 22.20 -7.57
C ASN G 32 -28.43 21.80 -7.20
N LYS G 33 -27.47 22.57 -7.73
CA LYS G 33 -26.06 22.30 -7.49
C LYS G 33 -25.63 22.41 -6.03
N GLU G 34 -26.25 23.31 -5.27
CA GLU G 34 -25.91 23.46 -3.86
C GLU G 34 -26.29 22.19 -3.10
N GLN G 35 -27.46 21.65 -3.41
CA GLN G 35 -27.92 20.43 -2.75
C GLN G 35 -27.02 19.26 -3.13
N LEU G 36 -26.63 19.20 -4.39
CA LEU G 36 -25.75 18.14 -4.85
C LEU G 36 -24.42 18.20 -4.09
N ALA G 37 -23.83 19.39 -4.04
CA ALA G 37 -22.56 19.59 -3.36
C ALA G 37 -22.67 19.24 -1.87
N ARG G 38 -23.75 19.69 -1.23
CA ARG G 38 -23.94 19.39 0.20
C ARG G 38 -24.02 17.89 0.42
N ALA G 39 -24.64 17.18 -0.52
CA ALA G 39 -24.78 15.73 -0.42
C ALA G 39 -23.48 14.98 -0.72
N GLY G 40 -22.39 15.72 -0.88
CA GLY G 40 -21.09 15.11 -1.16
C GLY G 40 -20.71 14.92 -2.61
N PHE G 41 -21.57 15.36 -3.52
CA PHE G 41 -21.32 15.20 -4.94
C PHE G 41 -20.57 16.36 -5.59
N TYR G 42 -19.84 16.06 -6.66
CA TYR G 42 -19.13 17.07 -7.44
C TYR G 42 -19.26 16.62 -8.89
N ALA G 43 -19.42 17.58 -9.80
CA ALA G 43 -19.58 17.28 -11.22
C ALA G 43 -18.25 16.86 -11.85
N ILE G 44 -18.31 15.90 -12.77
CA ILE G 44 -17.10 15.43 -13.43
C ILE G 44 -16.92 16.01 -14.84
N GLY G 45 -17.82 16.88 -15.25
CA GLY G 45 -17.72 17.50 -16.57
C GLY G 45 -18.27 16.69 -17.73
N GLN G 46 -19.21 15.80 -17.44
CA GLN G 46 -19.83 14.95 -18.46
C GLN G 46 -21.35 14.98 -18.23
N GLU G 47 -22.04 15.85 -18.97
CA GLU G 47 -23.48 15.98 -18.83
C GLU G 47 -23.81 16.26 -17.36
N ASP G 48 -24.79 15.55 -16.81
CA ASP G 48 -25.16 15.75 -15.41
C ASP G 48 -24.57 14.68 -14.51
N LYS G 49 -23.44 14.11 -14.92
CA LYS G 49 -22.79 13.07 -14.13
C LYS G 49 -22.07 13.66 -12.93
N VAL G 50 -22.29 13.07 -11.76
CA VAL G 50 -21.64 13.51 -10.53
C VAL G 50 -21.08 12.30 -9.78
N GLN G 51 -20.17 12.54 -8.85
CA GLN G 51 -19.59 11.46 -8.05
C GLN G 51 -19.39 11.95 -6.63
N CYS G 52 -19.51 11.03 -5.67
CA CYS G 52 -19.31 11.37 -4.26
C CYS G 52 -17.82 11.40 -3.96
N PHE G 53 -17.37 12.43 -3.27
CA PHE G 53 -15.95 12.57 -2.92
C PHE G 53 -15.50 11.47 -1.99
N HIS G 54 -16.43 10.93 -1.21
CA HIS G 54 -16.07 9.91 -0.25
C HIS G 54 -16.13 8.47 -0.74
N CYS G 55 -17.33 7.98 -1.07
CA CYS G 55 -17.46 6.61 -1.55
C CYS G 55 -17.15 6.43 -3.03
N GLY G 56 -17.06 7.53 -3.77
CA GLY G 56 -16.78 7.45 -5.20
C GLY G 56 -17.99 7.04 -6.04
N GLY G 57 -19.15 6.88 -5.39
CA GLY G 57 -20.34 6.50 -6.12
C GLY G 57 -20.78 7.54 -7.13
N GLY G 58 -20.98 7.12 -8.39
CA GLY G 58 -21.39 8.04 -9.43
C GLY G 58 -22.88 7.99 -9.74
N LEU G 59 -23.45 9.14 -10.10
CA LEU G 59 -24.88 9.23 -10.40
C LEU G 59 -25.11 10.10 -11.63
N ALA G 60 -26.08 9.71 -12.45
CA ALA G 60 -26.40 10.45 -13.68
C ALA G 60 -27.90 10.36 -14.02
N ASN G 61 -28.31 11.19 -14.98
CA ASN G 61 -29.71 11.23 -15.42
C ASN G 61 -30.65 11.68 -14.31
N TRP G 62 -30.33 12.83 -13.72
CA TRP G 62 -31.15 13.38 -12.65
C TRP G 62 -32.51 13.84 -13.16
N LYS G 63 -33.53 13.66 -12.32
CA LYS G 63 -34.88 14.06 -12.65
C LYS G 63 -35.24 15.27 -11.80
N PRO G 64 -36.04 16.19 -12.34
CA PRO G 64 -36.43 17.38 -11.59
C PRO G 64 -37.02 17.04 -10.21
N LYS G 65 -36.70 17.87 -9.23
CA LYS G 65 -37.21 17.70 -7.87
C LYS G 65 -36.58 16.56 -7.06
N GLU G 66 -35.67 15.80 -7.67
CA GLU G 66 -35.03 14.72 -6.94
C GLU G 66 -34.18 15.27 -5.81
N ASP G 67 -34.12 14.52 -4.72
CA ASP G 67 -33.34 14.90 -3.55
C ASP G 67 -32.00 14.17 -3.55
N PRO G 68 -30.89 14.92 -3.73
CA PRO G 68 -29.54 14.35 -3.74
C PRO G 68 -29.25 13.42 -2.57
N TRP G 69 -29.57 13.84 -1.36
CA TRP G 69 -29.36 12.99 -0.18
C TRP G 69 -30.11 11.66 -0.30
N GLU G 70 -31.35 11.72 -0.74
CA GLU G 70 -32.17 10.51 -0.89
C GLU G 70 -31.60 9.59 -1.97
N GLN G 71 -31.12 10.16 -3.07
CA GLN G 71 -30.54 9.33 -4.13
C GLN G 71 -29.21 8.74 -3.65
N HIS G 72 -28.48 9.52 -2.86
CA HIS G 72 -27.20 9.06 -2.34
C HIS G 72 -27.45 7.83 -1.45
N ALA G 73 -28.44 7.95 -0.56
CA ALA G 73 -28.78 6.86 0.36
C ALA G 73 -29.38 5.64 -0.34
N LYS G 74 -30.19 5.89 -1.36
CA LYS G 74 -30.82 4.79 -2.09
C LYS G 74 -29.80 3.93 -2.84
N TRP G 75 -28.93 4.58 -3.60
CA TRP G 75 -27.95 3.87 -4.40
C TRP G 75 -26.66 3.44 -3.70
N TYR G 76 -26.17 4.28 -2.80
CA TYR G 76 -24.93 3.97 -2.09
C TYR G 76 -25.10 4.01 -0.56
N PRO G 77 -25.93 3.11 -0.02
CA PRO G 77 -26.18 3.04 1.43
C PRO G 77 -24.92 2.75 2.23
N GLY G 78 -23.88 2.22 1.57
CA GLY G 78 -22.65 1.91 2.27
C GLY G 78 -21.70 3.09 2.45
N CYS G 79 -22.05 4.25 1.90
CA CYS G 79 -21.18 5.43 2.00
C CYS G 79 -20.96 5.93 3.43
N LYS G 80 -19.69 6.06 3.80
CA LYS G 80 -19.32 6.51 5.13
C LYS G 80 -19.68 7.98 5.36
N TYR G 81 -19.58 8.79 4.30
CA TYR G 81 -19.91 10.21 4.42
C TYR G 81 -21.41 10.34 4.70
N LEU G 82 -22.20 9.55 3.98
CA LEU G 82 -23.65 9.53 4.15
C LEU G 82 -23.97 9.13 5.60
N LEU G 83 -23.31 8.08 6.09
CA LEU G 83 -23.52 7.60 7.45
C LEU G 83 -23.20 8.66 8.50
N GLU G 84 -22.00 9.24 8.40
CA GLU G 84 -21.60 10.26 9.37
C GLU G 84 -22.47 11.52 9.35
N GLU G 85 -22.95 11.93 8.19
CA GLU G 85 -23.77 13.13 8.09
C GLU G 85 -25.26 12.94 8.38
N LYS G 86 -25.85 11.88 7.82
CA LYS G 86 -27.28 11.63 7.99
C LYS G 86 -27.65 10.65 9.10
N GLY G 87 -26.78 9.69 9.38
CA GLY G 87 -27.08 8.73 10.42
C GLY G 87 -27.75 7.48 9.87
N HIS G 88 -27.66 6.40 10.64
CA HIS G 88 -28.24 5.12 10.27
C HIS G 88 -29.75 5.15 10.09
N GLU G 89 -30.45 5.88 10.97
CA GLU G 89 -31.91 5.95 10.89
C GLU G 89 -32.40 6.49 9.54
N TYR G 90 -31.78 7.58 9.10
CA TYR G 90 -32.14 8.19 7.83
C TYR G 90 -31.99 7.17 6.69
N ILE G 91 -30.85 6.50 6.66
CA ILE G 91 -30.59 5.51 5.62
C ILE G 91 -31.60 4.37 5.64
N ASN G 92 -31.93 3.88 6.84
CA ASN G 92 -32.90 2.80 6.96
C ASN G 92 -34.27 3.23 6.47
N ASN G 93 -34.67 4.44 6.84
CA ASN G 93 -35.98 4.94 6.42
C ASN G 93 -36.06 5.03 4.91
N ILE G 94 -34.99 5.49 4.26
CA ILE G 94 -34.99 5.60 2.82
C ILE G 94 -35.29 4.23 2.19
N HIS G 95 -34.72 3.18 2.79
CA HIS G 95 -34.91 1.81 2.30
C HIS G 95 -36.08 1.11 2.99
N LEU G 96 -36.85 1.88 3.76
CA LEU G 96 -38.01 1.35 4.48
C LEU G 96 -37.67 0.11 5.30
N THR G 97 -36.63 0.22 6.12
CA THR G 97 -36.19 -0.87 6.97
C THR G 97 -36.43 -0.56 8.45
N ALA H 1 -32.56 9.05 -9.89
CA ALA H 1 -31.40 9.05 -10.80
C ALA H 1 -30.84 7.64 -10.84
N VAL H 2 -29.75 7.43 -11.57
CA VAL H 2 -29.18 6.10 -11.68
C VAL H 2 -27.65 6.10 -11.66
N PRO H 3 -27.04 5.01 -11.16
CA PRO H 3 -25.58 4.94 -11.12
C PRO H 3 -24.90 4.85 -12.48
N ILE H 4 -23.68 5.39 -12.56
CA ILE H 4 -22.90 5.37 -13.78
C ILE H 4 -22.01 4.14 -13.75
N ALA H 5 -22.23 3.21 -14.67
CA ALA H 5 -21.41 1.99 -14.72
C ALA H 5 -20.07 2.26 -15.39
N ASN I 7 -2.98 12.09 7.78
CA ASN I 7 -2.17 11.17 8.63
C ASN I 7 -0.72 11.13 8.13
N LEU I 8 -0.55 11.20 6.81
CA LEU I 8 0.77 11.18 6.21
C LEU I 8 0.83 12.14 5.02
N PRO I 9 1.88 12.97 4.95
CA PRO I 9 2.05 13.94 3.87
C PRO I 9 2.21 13.34 2.48
N ARG I 10 1.59 13.97 1.49
CA ARG I 10 1.65 13.53 0.11
C ARG I 10 3.07 13.64 -0.46
N ASN I 11 3.75 14.74 -0.12
CA ASN I 11 5.10 15.00 -0.62
C ASN I 11 6.02 15.28 0.57
N PRO I 12 6.50 14.23 1.23
CA PRO I 12 7.39 14.38 2.38
C PRO I 12 8.65 15.20 2.16
N SER I 13 9.13 15.26 0.92
CA SER I 13 10.34 16.02 0.61
C SER I 13 10.09 17.52 0.73
N MET I 14 8.81 17.90 0.82
CA MET I 14 8.43 19.31 0.94
C MET I 14 7.89 19.61 2.33
N THR I 15 8.26 18.79 3.31
CA THR I 15 7.82 18.98 4.68
C THR I 15 8.47 20.22 5.31
N GLY I 16 9.69 20.53 4.88
CA GLY I 16 10.38 21.69 5.44
C GLY I 16 10.07 23.01 4.77
N TYR I 17 10.06 24.08 5.57
CA TYR I 17 9.77 25.42 5.08
C TYR I 17 10.70 25.86 3.94
N GLU I 18 12.01 25.72 4.15
CA GLU I 18 12.99 26.11 3.14
C GLU I 18 12.83 25.33 1.84
N ALA I 19 12.60 24.02 1.95
CA ALA I 19 12.44 23.20 0.77
C ALA I 19 11.29 23.71 -0.09
N ARG I 20 10.24 24.23 0.56
CA ARG I 20 9.10 24.77 -0.18
C ARG I 20 9.39 26.17 -0.71
N LEU I 21 10.01 27.00 0.12
CA LEU I 21 10.32 28.37 -0.24
C LEU I 21 11.17 28.49 -1.51
N ILE I 22 12.18 27.64 -1.61
CA ILE I 22 13.07 27.73 -2.75
C ILE I 22 12.36 27.50 -4.08
N THR I 23 11.26 26.76 -4.07
CA THR I 23 10.54 26.51 -5.32
C THR I 23 9.94 27.81 -5.88
N PHE I 24 9.85 28.85 -5.06
CA PHE I 24 9.32 30.14 -5.51
C PHE I 24 10.46 31.05 -5.99
N GLY I 25 11.52 30.46 -6.53
CA GLY I 25 12.65 31.24 -7.01
C GLY I 25 12.35 32.65 -7.52
N THR I 26 11.80 32.74 -8.72
CA THR I 26 11.47 34.03 -9.31
C THR I 26 9.96 34.31 -9.28
N TRP I 27 9.36 34.16 -8.10
CA TRP I 27 7.94 34.39 -7.91
C TRP I 27 7.61 35.87 -8.08
N MET I 28 6.95 36.19 -9.17
CA MET I 28 6.59 37.56 -9.50
C MET I 28 5.13 37.90 -9.21
N TYR I 29 4.34 36.89 -8.85
CA TYR I 29 2.92 37.10 -8.59
C TYR I 29 2.59 37.94 -7.37
N SER I 30 1.33 38.36 -7.28
CA SER I 30 0.83 39.23 -6.21
C SER I 30 0.82 38.71 -4.77
N VAL I 31 0.82 37.40 -4.57
CA VAL I 31 0.82 36.87 -3.22
C VAL I 31 2.24 36.56 -2.76
N ASN I 32 2.57 36.99 -1.55
CA ASN I 32 3.90 36.78 -0.97
C ASN I 32 4.29 35.29 -0.88
N LYS I 33 5.45 34.95 -1.45
CA LYS I 33 5.92 33.58 -1.45
C LYS I 33 6.23 33.01 -0.07
N GLU I 34 6.65 33.85 0.86
CA GLU I 34 6.93 33.38 2.22
C GLU I 34 5.63 32.92 2.88
N GLN I 35 4.58 33.69 2.69
CA GLN I 35 3.28 33.33 3.26
C GLN I 35 2.76 32.04 2.64
N LEU I 36 2.97 31.88 1.32
CA LEU I 36 2.54 30.68 0.63
C LEU I 36 3.27 29.47 1.19
N ALA I 37 4.59 29.59 1.31
CA ALA I 37 5.42 28.50 1.84
C ALA I 37 5.03 28.15 3.28
N ARG I 38 4.81 29.16 4.10
CA ARG I 38 4.41 28.94 5.50
C ARG I 38 3.09 28.19 5.56
N ALA I 39 2.19 28.50 4.63
CA ALA I 39 0.89 27.86 4.58
C ALA I 39 0.95 26.43 4.03
N GLY I 40 2.17 25.92 3.85
CA GLY I 40 2.35 24.57 3.36
C GLY I 40 2.42 24.40 1.85
N PHE I 41 2.38 25.50 1.11
CA PHE I 41 2.42 25.43 -0.34
C PHE I 41 3.81 25.54 -0.96
N TYR I 42 3.98 24.91 -2.12
CA TYR I 42 5.22 24.97 -2.89
C TYR I 42 4.83 25.10 -4.35
N ALA I 43 5.59 25.87 -5.12
CA ALA I 43 5.29 26.07 -6.54
C ALA I 43 5.67 24.86 -7.36
N ILE I 44 4.85 24.54 -8.37
CA ILE I 44 5.13 23.39 -9.20
C ILE I 44 5.82 23.75 -10.52
N GLY I 45 6.19 25.02 -10.67
CA GLY I 45 6.86 25.47 -11.87
C GLY I 45 5.96 25.69 -13.06
N GLN I 46 4.68 25.95 -12.80
CA GLN I 46 3.69 26.19 -13.85
C GLN I 46 2.87 27.41 -13.46
N GLU I 47 3.24 28.56 -14.00
CA GLU I 47 2.56 29.81 -13.70
C GLU I 47 2.54 29.99 -12.17
N ASP I 48 1.38 30.34 -11.63
CA ASP I 48 1.28 30.53 -10.18
C ASP I 48 0.67 29.31 -9.50
N LYS I 49 0.80 28.15 -10.11
CA LYS I 49 0.25 26.93 -9.54
C LYS I 49 1.08 26.43 -8.35
N VAL I 50 0.39 26.12 -7.25
CA VAL I 50 1.04 25.63 -6.04
C VAL I 50 0.26 24.42 -5.49
N GLN I 51 0.93 23.61 -4.68
CA GLN I 51 0.30 22.44 -4.07
C GLN I 51 0.74 22.32 -2.63
N CYS I 52 -0.16 21.84 -1.77
CA CYS I 52 0.18 21.66 -0.37
C CYS I 52 1.00 20.37 -0.25
N PHE I 53 2.10 20.42 0.50
CA PHE I 53 2.96 19.25 0.67
C PHE I 53 2.25 18.12 1.42
N HIS I 54 1.27 18.49 2.23
CA HIS I 54 0.56 17.49 3.03
C HIS I 54 -0.67 16.88 2.40
N CYS I 55 -1.71 17.68 2.15
CA CYS I 55 -2.93 17.16 1.55
C CYS I 55 -2.87 17.05 0.01
N GLY I 56 -1.85 17.66 -0.59
CA GLY I 56 -1.73 17.61 -2.04
C GLY I 56 -2.69 18.53 -2.79
N GLY I 57 -3.46 19.32 -2.05
CA GLY I 57 -4.41 20.22 -2.68
C GLY I 57 -3.73 21.32 -3.48
N GLY I 58 -4.17 21.50 -4.73
CA GLY I 58 -3.59 22.53 -5.59
C GLY I 58 -4.42 23.79 -5.68
N LEU I 59 -3.76 24.92 -5.84
CA LEU I 59 -4.42 26.22 -5.96
C LEU I 59 -3.75 27.07 -7.04
N ALA I 60 -4.56 27.82 -7.80
CA ALA I 60 -4.05 28.67 -8.87
C ALA I 60 -4.90 29.92 -9.05
N ASN I 61 -4.39 30.87 -9.82
CA ASN I 61 -5.09 32.12 -10.10
C ASN I 61 -5.21 32.96 -8.82
N TRP I 62 -4.08 33.11 -8.14
CA TRP I 62 -4.01 33.90 -6.92
C TRP I 62 -4.27 35.37 -7.22
N LYS I 63 -5.01 36.02 -6.33
CA LYS I 63 -5.33 37.43 -6.49
C LYS I 63 -4.71 38.24 -5.37
N PRO I 64 -4.39 39.51 -5.63
CA PRO I 64 -3.77 40.38 -4.62
C PRO I 64 -4.53 40.38 -3.29
N LYS I 65 -3.78 40.55 -2.20
CA LYS I 65 -4.36 40.61 -0.86
C LYS I 65 -4.90 39.27 -0.31
N GLU I 66 -4.79 38.20 -1.09
CA GLU I 66 -5.28 36.92 -0.60
C GLU I 66 -4.36 36.35 0.47
N ASP I 67 -4.95 35.71 1.47
CA ASP I 67 -4.21 35.10 2.56
C ASP I 67 -4.10 33.60 2.30
N PRO I 68 -2.89 33.09 2.07
CA PRO I 68 -2.65 31.67 1.80
C PRO I 68 -3.29 30.70 2.80
N TRP I 69 -3.26 31.06 4.08
CA TRP I 69 -3.86 30.21 5.11
C TRP I 69 -5.38 30.16 4.94
N GLU I 70 -5.98 31.33 4.68
CA GLU I 70 -7.42 31.44 4.49
C GLU I 70 -7.87 30.64 3.27
N GLN I 71 -7.11 30.72 2.20
CA GLN I 71 -7.47 29.98 0.99
C GLN I 71 -7.28 28.48 1.21
N HIS I 72 -6.26 28.13 1.99
CA HIS I 72 -5.98 26.75 2.29
C HIS I 72 -7.16 26.17 3.07
N ALA I 73 -7.62 26.90 4.07
CA ALA I 73 -8.74 26.47 4.90
C ALA I 73 -10.07 26.47 4.14
N LYS I 74 -10.26 27.45 3.26
CA LYS I 74 -11.51 27.53 2.50
C LYS I 74 -11.69 26.36 1.56
N TRP I 75 -10.67 26.11 0.74
CA TRP I 75 -10.73 25.05 -0.26
C TRP I 75 -10.42 23.65 0.22
N TYR I 76 -9.49 23.51 1.16
CA TYR I 76 -9.13 22.19 1.66
C TYR I 76 -9.21 22.07 3.17
N PRO I 77 -10.42 22.22 3.73
CA PRO I 77 -10.65 22.14 5.17
C PRO I 77 -10.26 20.79 5.79
N GLY I 78 -10.15 19.76 4.95
CA GLY I 78 -9.78 18.44 5.43
C GLY I 78 -8.29 18.23 5.62
N CYS I 79 -7.47 19.20 5.21
CA CYS I 79 -6.02 19.06 5.33
C CYS I 79 -5.52 18.90 6.77
N LYS I 80 -4.76 17.86 7.02
CA LYS I 80 -4.24 17.59 8.36
C LYS I 80 -3.15 18.58 8.79
N TYR I 81 -2.42 19.14 7.83
CA TYR I 81 -1.38 20.12 8.17
C TYR I 81 -2.07 21.38 8.65
N LEU I 82 -3.13 21.75 7.94
CA LEU I 82 -3.92 22.92 8.30
C LEU I 82 -4.47 22.72 9.71
N LEU I 83 -5.02 21.54 9.97
CA LEU I 83 -5.57 21.25 11.29
C LEU I 83 -4.54 21.35 12.39
N GLU I 84 -3.41 20.67 12.20
CA GLU I 84 -2.35 20.71 13.22
C GLU I 84 -1.77 22.09 13.48
N GLU I 85 -1.60 22.89 12.43
CA GLU I 85 -1.04 24.22 12.60
C GLU I 85 -2.03 25.30 13.05
N LYS I 86 -3.22 25.31 12.45
CA LYS I 86 -4.22 26.34 12.77
C LYS I 86 -5.30 25.94 13.78
N GLY I 87 -5.71 24.67 13.78
CA GLY I 87 -6.73 24.22 14.72
C GLY I 87 -8.17 24.35 14.25
N HIS I 88 -9.07 23.58 14.86
CA HIS I 88 -10.49 23.58 14.51
C HIS I 88 -11.16 24.94 14.47
N GLU I 89 -10.97 25.71 15.54
CA GLU I 89 -11.56 27.04 15.66
C GLU I 89 -11.27 27.93 14.45
N TYR I 90 -10.01 27.94 14.01
CA TYR I 90 -9.63 28.75 12.86
C TYR I 90 -10.36 28.29 11.60
N ILE I 91 -10.35 26.98 11.35
CA ILE I 91 -11.01 26.43 10.16
C ILE I 91 -12.51 26.71 10.18
N ASN I 92 -13.14 26.49 11.33
CA ASN I 92 -14.57 26.74 11.46
C ASN I 92 -14.91 28.21 11.21
N ASN I 93 -14.10 29.11 11.75
CA ASN I 93 -14.35 30.53 11.56
C ASN I 93 -14.29 30.93 10.09
N ILE I 94 -13.33 30.37 9.36
CA ILE I 94 -13.20 30.66 7.95
C ILE I 94 -14.49 30.31 7.22
N HIS I 95 -15.10 29.18 7.60
CA HIS I 95 -16.34 28.71 6.99
C HIS I 95 -17.54 29.22 7.79
N LEU I 96 -17.25 30.09 8.75
CA LEU I 96 -18.27 30.67 9.63
C LEU I 96 -19.02 29.58 10.40
N THR I 97 -18.61 28.34 10.19
CA THR I 97 -19.25 27.22 10.87
C THR I 97 -19.02 27.32 12.38
N ARG I 98 -19.93 28.00 13.07
CA ARG I 98 -19.84 28.18 14.51
C ARG I 98 -21.12 28.79 15.07
N SER I 99 -21.04 29.32 16.28
CA SER I 99 -22.19 29.95 16.92
C SER I 99 -22.34 31.39 16.46
N ALA J 1 -8.64 32.52 -4.37
CA ALA J 1 -7.99 31.87 -5.52
C ALA J 1 -8.82 30.64 -5.82
N VAL J 2 -8.33 29.78 -6.71
CA VAL J 2 -9.10 28.60 -7.11
C VAL J 2 -8.34 27.27 -7.16
N PRO J 3 -9.03 26.16 -6.87
CA PRO J 3 -8.36 24.85 -6.90
C PRO J 3 -8.05 24.34 -8.30
N ILE J 4 -7.00 23.54 -8.39
CA ILE J 4 -6.56 22.97 -9.66
C ILE J 4 -7.22 21.61 -9.89
N THR K 6 6.28 6.05 6.49
CA THR K 6 5.68 6.64 7.72
C THR K 6 6.63 6.49 8.91
N ASN K 7 7.60 5.59 8.77
CA ASN K 7 8.57 5.34 9.83
C ASN K 7 9.77 4.58 9.27
N LEU K 8 9.51 3.74 8.27
CA LEU K 8 10.55 2.95 7.64
C LEU K 8 11.34 3.78 6.63
N PRO K 9 12.63 3.47 6.45
CA PRO K 9 13.49 4.20 5.51
C PRO K 9 13.17 3.91 4.04
N ARG K 10 13.34 4.90 3.19
CA ARG K 10 13.06 4.74 1.78
C ARG K 10 14.04 3.74 1.13
N ASN K 11 15.28 3.72 1.60
CA ASN K 11 16.26 2.80 1.05
C ASN K 11 16.94 2.03 2.18
N PRO K 12 16.30 0.96 2.65
CA PRO K 12 16.84 0.15 3.74
C PRO K 12 18.22 -0.47 3.46
N SER K 13 18.55 -0.66 2.18
CA SER K 13 19.85 -1.25 1.83
C SER K 13 20.98 -0.27 2.12
N MET K 14 20.63 0.98 2.40
CA MET K 14 21.62 2.01 2.72
C MET K 14 21.56 2.41 4.20
N THR K 15 21.02 1.52 5.03
CA THR K 15 20.90 1.80 6.46
C THR K 15 22.27 1.81 7.16
N GLY K 16 23.20 1.00 6.66
CA GLY K 16 24.51 0.93 7.29
C GLY K 16 25.51 1.96 6.79
N TYR K 17 26.35 2.41 7.70
CA TYR K 17 27.37 3.41 7.39
C TYR K 17 28.30 3.00 6.23
N GLU K 18 28.85 1.79 6.31
CA GLU K 18 29.75 1.30 5.26
C GLU K 18 29.07 1.23 3.91
N ALA K 19 27.84 0.73 3.88
CA ALA K 19 27.10 0.61 2.62
C ALA K 19 27.01 1.98 1.95
N ARG K 20 26.80 3.03 2.75
CA ARG K 20 26.71 4.38 2.20
C ARG K 20 28.09 4.93 1.80
N LEU K 21 29.06 4.71 2.67
CA LEU K 21 30.41 5.20 2.44
C LEU K 21 31.00 4.73 1.11
N ILE K 22 30.83 3.44 0.82
CA ILE K 22 31.39 2.91 -0.41
C ILE K 22 30.86 3.56 -1.68
N THR K 23 29.66 4.14 -1.63
CA THR K 23 29.09 4.80 -2.82
C THR K 23 29.88 6.06 -3.19
N PHE K 24 30.70 6.57 -2.27
CA PHE K 24 31.51 7.75 -2.55
C PHE K 24 32.91 7.33 -3.03
N GLY K 25 32.98 6.26 -3.81
CA GLY K 25 34.25 5.77 -4.31
C GLY K 25 35.28 6.81 -4.72
N THR K 26 35.06 7.45 -5.87
CA THR K 26 35.98 8.48 -6.34
C THR K 26 35.37 9.86 -6.09
N TRP K 27 35.10 10.16 -4.82
CA TRP K 27 34.51 11.43 -4.44
C TRP K 27 35.52 12.58 -4.58
N MET K 28 35.34 13.36 -5.63
CA MET K 28 36.22 14.49 -5.94
C MET K 28 35.65 15.83 -5.51
N TYR K 29 34.79 15.83 -4.48
CA TYR K 29 34.21 17.10 -4.04
C TYR K 29 34.73 17.60 -2.71
N SER K 30 34.59 18.90 -2.50
CA SER K 30 35.05 19.60 -1.30
C SER K 30 34.42 19.16 0.01
N VAL K 31 33.31 18.45 -0.04
CA VAL K 31 32.66 18.01 1.18
C VAL K 31 33.09 16.60 1.52
N ASN K 32 33.53 16.41 2.76
CA ASN K 32 34.00 15.11 3.24
C ASN K 32 32.98 13.99 3.08
N LYS K 33 33.37 12.91 2.41
CA LYS K 33 32.48 11.79 2.18
C LYS K 33 32.11 11.05 3.48
N GLU K 34 33.02 11.01 4.45
CA GLU K 34 32.72 10.35 5.72
C GLU K 34 31.62 11.12 6.45
N GLN K 35 31.70 12.45 6.43
CA GLN K 35 30.70 13.27 7.09
C GLN K 35 29.36 13.11 6.38
N LEU K 36 29.38 13.03 5.05
CA LEU K 36 28.16 12.85 4.29
C LEU K 36 27.50 11.51 4.66
N ALA K 37 28.30 10.45 4.67
CA ALA K 37 27.79 9.12 5.01
C ALA K 37 27.24 9.08 6.44
N ARG K 38 27.96 9.69 7.39
CA ARG K 38 27.49 9.70 8.76
C ARG K 38 26.14 10.42 8.87
N ALA K 39 25.97 11.46 8.07
CA ALA K 39 24.74 12.25 8.08
C ALA K 39 23.59 11.53 7.37
N GLY K 40 23.81 10.27 7.00
CA GLY K 40 22.78 9.48 6.34
C GLY K 40 22.74 9.55 4.82
N PHE K 41 23.67 10.28 4.21
CA PHE K 41 23.69 10.43 2.77
C PHE K 41 24.53 9.39 2.04
N TYR K 42 24.16 9.10 0.79
CA TYR K 42 24.90 8.19 -0.06
C TYR K 42 24.83 8.80 -1.46
N ALA K 43 25.91 8.67 -2.23
CA ALA K 43 25.99 9.21 -3.58
C ALA K 43 25.16 8.39 -4.55
N ILE K 44 24.51 9.06 -5.50
CA ILE K 44 23.70 8.36 -6.48
C ILE K 44 24.37 8.20 -7.84
N GLY K 45 25.63 8.62 -7.92
CA GLY K 45 26.36 8.48 -9.17
C GLY K 45 26.08 9.55 -10.20
N GLN K 46 25.67 10.73 -9.74
CA GLN K 46 25.37 11.85 -10.62
C GLN K 46 25.99 13.10 -10.01
N GLU K 47 27.20 13.42 -10.45
CA GLU K 47 27.93 14.58 -9.94
C GLU K 47 28.03 14.44 -8.42
N ASP K 48 27.76 15.52 -7.70
CA ASP K 48 27.84 15.48 -6.24
C ASP K 48 26.46 15.28 -5.61
N LYS K 49 25.53 14.68 -6.35
CA LYS K 49 24.18 14.44 -5.84
C LYS K 49 24.14 13.29 -4.82
N VAL K 50 23.49 13.55 -3.69
CA VAL K 50 23.36 12.55 -2.63
C VAL K 50 21.92 12.51 -2.15
N GLN K 51 21.55 11.41 -1.49
CA GLN K 51 20.19 11.26 -0.96
C GLN K 51 20.26 10.58 0.39
N CYS K 52 19.33 10.93 1.27
CA CYS K 52 19.28 10.32 2.59
C CYS K 52 18.61 8.95 2.46
N PHE K 53 19.20 7.94 3.09
CA PHE K 53 18.68 6.57 3.04
C PHE K 53 17.32 6.49 3.72
N HIS K 54 17.08 7.39 4.67
CA HIS K 54 15.84 7.35 5.42
C HIS K 54 14.68 8.18 4.84
N CYS K 55 14.84 9.50 4.79
CA CYS K 55 13.78 10.36 4.27
C CYS K 55 13.78 10.47 2.75
N GLY K 56 14.85 10.00 2.10
CA GLY K 56 14.91 10.07 0.65
C GLY K 56 15.21 11.46 0.12
N GLY K 57 15.47 12.40 1.02
CA GLY K 57 15.78 13.76 0.60
C GLY K 57 17.10 13.89 -0.15
N GLY K 58 17.07 14.52 -1.32
CA GLY K 58 18.27 14.69 -2.12
C GLY K 58 18.89 16.08 -2.01
N LEU K 59 20.22 16.12 -2.11
CA LEU K 59 20.96 17.38 -2.01
C LEU K 59 22.08 17.43 -3.06
N ALA K 60 22.27 18.60 -3.66
CA ALA K 60 23.32 18.77 -4.67
C ALA K 60 23.96 20.16 -4.58
N ASN K 61 25.04 20.34 -5.33
CA ASN K 61 25.75 21.61 -5.37
C ASN K 61 26.32 21.97 -4.02
N TRP K 62 27.02 21.03 -3.41
CA TRP K 62 27.64 21.26 -2.12
C TRP K 62 28.72 22.33 -2.25
N LYS K 63 28.83 23.18 -1.23
CA LYS K 63 29.83 24.23 -1.20
C LYS K 63 30.90 23.83 -0.20
N PRO K 64 32.14 24.27 -0.42
CA PRO K 64 33.24 23.94 0.50
C PRO K 64 32.96 24.29 1.96
N LYS K 65 33.34 23.38 2.85
CA LYS K 65 33.15 23.57 4.28
C LYS K 65 31.70 23.56 4.77
N GLU K 66 30.80 22.91 4.03
CA GLU K 66 29.41 22.83 4.48
C GLU K 66 29.26 21.60 5.36
N ASP K 67 28.45 21.70 6.41
CA ASP K 67 28.25 20.58 7.31
C ASP K 67 27.02 19.78 6.89
N PRO K 68 27.22 18.50 6.52
CA PRO K 68 26.16 17.58 6.08
C PRO K 68 24.95 17.52 7.02
N TRP K 69 25.21 17.41 8.32
CA TRP K 69 24.11 17.35 9.29
C TRP K 69 23.30 18.65 9.25
N GLU K 70 24.00 19.77 9.21
CA GLU K 70 23.37 21.08 9.18
C GLU K 70 22.48 21.25 7.93
N GLN K 71 23.01 20.82 6.78
CA GLN K 71 22.25 20.90 5.54
C GLN K 71 21.06 19.94 5.59
N HIS K 72 21.29 18.78 6.19
CA HIS K 72 20.24 17.78 6.32
C HIS K 72 19.08 18.39 7.11
N ALA K 73 19.41 18.98 8.26
CA ALA K 73 18.42 19.61 9.15
C ALA K 73 17.76 20.83 8.52
N LYS K 74 18.52 21.62 7.78
CA LYS K 74 17.97 22.82 7.14
C LYS K 74 16.91 22.50 6.10
N TRP K 75 17.26 21.60 5.18
CA TRP K 75 16.37 21.23 4.09
C TRP K 75 15.32 20.17 4.38
N TYR K 76 15.67 19.19 5.22
CA TYR K 76 14.73 18.11 5.53
C TYR K 76 14.51 17.91 7.03
N PRO K 77 13.99 18.95 7.72
CA PRO K 77 13.73 18.91 9.15
C PRO K 77 12.76 17.79 9.57
N GLY K 78 12.01 17.27 8.60
CA GLY K 78 11.07 16.21 8.89
C GLY K 78 11.67 14.81 8.91
N CYS K 79 12.94 14.68 8.56
CA CYS K 79 13.59 13.37 8.52
C CYS K 79 13.65 12.67 9.89
N LYS K 80 13.18 11.43 9.93
CA LYS K 80 13.18 10.64 11.17
C LYS K 80 14.59 10.24 11.59
N TYR K 81 15.46 10.01 10.62
CA TYR K 81 16.83 9.63 10.93
C TYR K 81 17.52 10.80 11.64
N LEU K 82 17.32 11.98 11.08
CA LEU K 82 17.87 13.21 11.64
C LEU K 82 17.36 13.37 13.08
N LEU K 83 16.05 13.21 13.26
CA LEU K 83 15.46 13.35 14.59
C LEU K 83 16.07 12.35 15.58
N GLU K 84 16.09 11.08 15.23
CA GLU K 84 16.62 10.07 16.13
C GLU K 84 18.09 10.26 16.46
N GLU K 85 18.90 10.69 15.49
CA GLU K 85 20.32 10.87 15.75
C GLU K 85 20.72 12.19 16.41
N LYS K 86 20.14 13.29 15.95
CA LYS K 86 20.49 14.61 16.47
C LYS K 86 19.56 15.16 17.53
N GLY K 87 18.29 14.78 17.49
CA GLY K 87 17.36 15.30 18.48
C GLY K 87 16.68 16.60 18.07
N HIS K 88 15.54 16.86 18.69
CA HIS K 88 14.72 18.04 18.43
C HIS K 88 15.44 19.38 18.69
N GLU K 89 16.22 19.43 19.76
CA GLU K 89 16.95 20.63 20.12
C GLU K 89 17.89 21.09 18.99
N TYR K 90 18.64 20.15 18.44
CA TYR K 90 19.57 20.44 17.36
C TYR K 90 18.85 21.02 16.15
N ILE K 91 17.77 20.36 15.75
CA ILE K 91 16.99 20.80 14.59
C ILE K 91 16.42 22.20 14.79
N ASN K 92 15.89 22.46 15.98
CA ASN K 92 15.33 23.77 16.27
C ASN K 92 16.40 24.86 16.22
N ASN K 93 17.58 24.56 16.75
CA ASN K 93 18.67 25.54 16.74
C ASN K 93 19.09 25.87 15.31
N ILE K 94 19.13 24.86 14.45
CA ILE K 94 19.50 25.09 13.06
C ILE K 94 18.53 26.09 12.43
N HIS K 95 17.24 26.00 12.78
CA HIS K 95 16.23 26.89 12.24
C HIS K 95 15.97 28.13 13.11
N LEU K 96 16.86 28.39 14.06
CA LEU K 96 16.74 29.58 14.92
C LEU K 96 15.36 29.76 15.54
N THR K 97 14.77 28.69 16.08
CA THR K 97 13.45 28.80 16.69
C THR K 97 13.24 27.80 17.82
N ARG K 98 12.00 27.70 18.26
CA ARG K 98 11.61 26.79 19.32
C ARG K 98 10.25 26.20 19.00
N SER K 99 10.19 24.89 18.85
CA SER K 99 8.95 24.18 18.54
C SER K 99 8.51 23.35 19.74
N LEU K 100 7.36 22.70 19.61
CA LEU K 100 6.82 21.87 20.68
C LEU K 100 7.51 20.51 20.77
N GLU K 101 7.30 19.82 21.89
CA GLU K 101 7.91 18.51 22.14
C GLU K 101 7.93 17.53 20.97
N GLY K 102 6.75 17.19 20.47
CA GLY K 102 6.67 16.26 19.35
C GLY K 102 6.24 16.95 18.08
N ALA K 103 6.58 18.23 17.97
CA ALA K 103 6.20 19.00 16.80
C ALA K 103 7.35 19.16 15.81
N LEU K 104 7.07 18.90 14.54
CA LEU K 104 8.07 19.03 13.51
C LEU K 104 8.22 20.51 13.17
N VAL K 105 9.41 20.93 12.76
CA VAL K 105 9.64 22.32 12.39
C VAL K 105 9.17 22.40 10.94
N GLN K 106 7.92 22.79 10.73
CA GLN K 106 7.37 22.86 9.38
C GLN K 106 7.04 24.26 8.89
N THR K 107 6.91 25.22 9.81
CA THR K 107 6.56 26.59 9.41
C THR K 107 7.66 27.64 9.36
N THR K 108 8.90 27.25 9.69
CA THR K 108 10.01 28.20 9.66
C THR K 108 11.37 27.51 9.49
N ALA L 1 24.24 23.65 0.28
CA ALA L 1 23.79 22.77 -0.81
C ALA L 1 22.33 23.08 -1.07
N VAL L 2 21.77 22.44 -2.07
CA VAL L 2 20.39 22.69 -2.44
C VAL L 2 19.66 21.39 -2.79
N PRO L 3 18.34 21.34 -2.54
CA PRO L 3 17.61 20.12 -2.87
C PRO L 3 17.60 19.85 -4.37
N ILE L 4 17.62 18.57 -4.73
CA ILE L 4 17.62 18.17 -6.13
C ILE L 4 16.25 18.41 -6.75
ZN ZN M . 19.42 -9.27 5.14
ZN ZN N . 11.63 -11.92 9.97
ZN ZN O . 15.07 -18.12 13.61
ZN ZN P . 30.66 -0.17 10.96
ZN ZN Q . 15.09 -27.75 6.29
ZN ZN R . -8.37 -26.15 9.34
ZN ZN S . -4.93 -17.32 6.65
ZN ZN T . 1.64 -21.73 1.20
ZN ZN U . -16.38 -28.08 0.61
ZN ZN V . -26.01 -7.45 7.14
ZN ZN W . -18.46 -6.16 4.80
ZN ZN X . -18.48 -12.88 -1.93
ZN ZN Y . -33.27 -0.79 -0.43
ZN ZN Z . -21.74 17.64 9.48
ZN ZN AA . -15.27 10.47 6.54
ZN ZN BA . -20.95 8.72 -0.98
ZN ZN CA . -17.51 26.80 3.75
ZN ZN DA . 3.77 22.64 13.71
ZN ZN EA . 1.38 16.18 9.52
ZN ZN FA . -3.07 21.02 2.72
ZN ZN GA . 14.08 27.24 8.89
ZN ZN HA . 21.13 5.75 16.16
ZN ZN IA . 14.41 4.94 11.68
ZN ZN JA . 16.97 12.27 5.94
#